data_6QMD
#
_entry.id   6QMD
#
_cell.length_a   103.391
_cell.length_b   103.391
_cell.length_c   56.506
_cell.angle_alpha   90.00
_cell.angle_beta   90.00
_cell.angle_gamma   120.00
#
_symmetry.space_group_name_H-M   'P 61'
#
loop_
_entity.id
_entity.type
_entity.pdbx_description
1 polymer 'Kelch-like ECH-associated protein 1'
2 non-polymer 'DIMETHYL SULFOXIDE'
3 non-polymer '(3~{R})-3-(4-chlorophenyl)-3-(1-methylbenzotriazol-5-yl)propanoic acid'
4 water water
#
_entity_poly.entity_id   1
_entity_poly.type   'polypeptide(L)'
_entity_poly.pdbx_seq_one_letter_code
;MGSSHHHHHHSSGLVPRGPKVGRLIYTAGGYFRQSLSYLEAYNPSNGSWLRLADLQVPRSGLAGCVVGGLLYAVGGRNNS
PDGNTDSSALDCYNPMTNQWSPCASMSVPRNRIGVGVIDGHIYAVGGSHGCIHHSSVERYEPERDEWHLVAPMLTRRIGV
GVAVLNRLLYAVGGFDGTNRLNSAECYYPERNEWRMITPMNTIRSGAGVCVLHNCIYAAGGYDGQDQLNSVERYDVETET
WTFVAPMRHHRSALGITVHQGKIYVLGGYDGHTFLDSVECYDPDSDTWSEVTRMTSGRSGVGVAVTMEPCRKQIDQQNCT
C
;
_entity_poly.pdbx_strand_id   A
#
loop_
_chem_comp.id
_chem_comp.type
_chem_comp.name
_chem_comp.formula
DMS non-polymer 'DIMETHYL SULFOXIDE' 'C2 H6 O S'
J6N non-polymer '(3~{R})-3-(4-chlorophenyl)-3-(1-methylbenzotriazol-5-yl)propanoic acid' 'C16 H14 Cl N3 O2'
#
# COMPACT_ATOMS: atom_id res chain seq x y z
N GLY A 22 8.84 11.82 -10.81
CA GLY A 22 9.58 11.24 -9.64
C GLY A 22 10.75 10.38 -10.10
N ARG A 23 11.73 10.19 -9.22
CA ARG A 23 12.91 9.39 -9.54
C ARG A 23 13.18 8.35 -8.45
N LEU A 24 12.74 8.53 -7.18
CA LEU A 24 13.10 7.59 -6.10
C LEU A 24 11.89 6.81 -5.57
N ILE A 25 12.13 5.56 -5.16
CA ILE A 25 11.17 4.78 -4.42
C ILE A 25 11.43 5.02 -2.91
N TYR A 26 10.45 5.66 -2.29
CA TYR A 26 10.47 5.99 -0.87
C TYR A 26 9.73 4.90 -0.08
N THR A 27 10.35 4.39 0.98
CA THR A 27 9.72 3.42 1.91
C THR A 27 9.72 4.03 3.31
N ALA A 28 8.55 4.07 3.90
CA ALA A 28 8.32 4.76 5.13
C ALA A 28 7.79 3.74 6.16
N GLY A 29 8.38 3.74 7.35
CA GLY A 29 7.85 2.93 8.42
C GLY A 29 8.08 1.45 8.18
N GLY A 30 7.20 0.67 8.78
CA GLY A 30 7.24 -0.80 8.71
C GLY A 30 7.41 -1.41 10.08
N TYR A 31 7.66 -2.73 10.08
CA TYR A 31 7.70 -3.50 11.32
C TYR A 31 8.86 -4.50 11.31
N PHE A 32 9.69 -4.41 12.32
CA PHE A 32 10.62 -5.47 12.66
C PHE A 32 10.82 -5.40 14.18
N ARG A 33 10.24 -6.37 14.90
CA ARG A 33 10.26 -6.43 16.37
C ARG A 33 9.33 -5.37 16.94
N GLN A 34 9.36 -4.17 16.39
CA GLN A 34 8.39 -3.12 16.73
C GLN A 34 8.17 -2.25 15.49
N SER A 35 7.24 -1.33 15.57
CA SER A 35 7.00 -0.43 14.46
C SER A 35 8.19 0.54 14.32
N LEU A 36 8.46 0.96 13.07
CA LEU A 36 9.73 1.64 12.69
C LEU A 36 9.43 3.08 12.22
N SER A 37 10.43 3.95 12.31
CA SER A 37 10.29 5.37 11.92
CA SER A 37 10.28 5.36 11.92
C SER A 37 11.05 5.66 10.62
N TYR A 38 11.64 4.63 10.02
CA TYR A 38 12.60 4.83 8.97
C TYR A 38 11.94 5.47 7.75
N LEU A 39 12.65 6.40 7.13
CA LEU A 39 12.33 6.78 5.76
C LEU A 39 13.61 6.63 4.96
N GLU A 40 13.55 5.80 3.94
CA GLU A 40 14.69 5.53 3.07
C GLU A 40 14.18 5.53 1.62
N ALA A 41 15.06 5.96 0.72
CA ALA A 41 14.73 6.16 -0.69
C ALA A 41 15.75 5.42 -1.57
N TYR A 42 15.22 4.61 -2.47
CA TYR A 42 15.99 3.82 -3.39
C TYR A 42 15.95 4.46 -4.78
N ASN A 43 17.12 4.52 -5.40
CA ASN A 43 17.29 5.08 -6.73
C ASN A 43 17.56 3.92 -7.69
N PRO A 44 16.54 3.51 -8.44
CA PRO A 44 16.73 2.48 -9.45
C PRO A 44 17.84 2.83 -10.44
N SER A 45 18.07 4.11 -10.73
CA SER A 45 19.08 4.49 -11.73
C SER A 45 20.51 4.13 -11.27
N ASN A 46 20.79 4.01 -9.97
CA ASN A 46 22.18 3.71 -9.55
C ASN A 46 22.27 2.68 -8.39
N GLY A 47 21.17 2.08 -7.95
CA GLY A 47 21.21 1.04 -6.90
C GLY A 47 21.34 1.59 -5.48
N SER A 48 21.34 2.92 -5.30
CA SER A 48 21.68 3.57 -4.01
C SER A 48 20.45 3.67 -3.09
N TRP A 49 20.71 3.53 -1.80
CA TRP A 49 19.74 3.81 -0.75
C TRP A 49 20.20 5.05 0.03
N LEU A 50 19.26 5.92 0.39
CA LEU A 50 19.53 7.13 1.15
C LEU A 50 18.65 7.10 2.39
N ARG A 51 19.21 7.23 3.59
CA ARG A 51 18.34 7.37 4.75
C ARG A 51 18.02 8.87 4.94
N LEU A 52 16.75 9.15 5.10
CA LEU A 52 16.22 10.51 5.18
C LEU A 52 15.58 10.70 6.55
N ALA A 53 14.85 11.81 6.74
CA ALA A 53 14.26 12.18 8.03
C ALA A 53 13.27 11.12 8.51
N ASP A 54 13.46 10.63 9.75
CA ASP A 54 12.51 9.70 10.39
C ASP A 54 11.09 10.29 10.49
N LEU A 55 10.09 9.45 10.33
CA LEU A 55 8.73 9.76 10.77
C LEU A 55 8.77 10.26 12.22
N GLN A 56 7.84 11.15 12.53
CA GLN A 56 7.71 11.72 13.88
C GLN A 56 7.22 10.63 14.83
N VAL A 57 6.42 9.70 14.33
CA VAL A 57 5.86 8.60 15.14
C VAL A 57 6.11 7.26 14.43
N PRO A 58 6.69 6.25 15.11
CA PRO A 58 6.84 4.96 14.45
C PRO A 58 5.48 4.41 13.97
N ARG A 59 5.48 3.72 12.85
CA ARG A 59 4.24 3.13 12.39
C ARG A 59 4.50 2.02 11.37
N SER A 60 3.69 0.99 11.49
CA SER A 60 3.62 -0.10 10.56
C SER A 60 2.18 -0.18 10.05
N GLY A 61 1.97 -0.89 8.96
CA GLY A 61 0.62 -1.10 8.43
C GLY A 61 0.02 0.16 7.84
N LEU A 62 0.89 1.10 7.50
CA LEU A 62 0.51 2.37 6.87
C LEU A 62 0.55 2.21 5.34
N ALA A 63 0.09 3.25 4.66
CA ALA A 63 0.22 3.37 3.21
C ALA A 63 0.92 4.69 2.87
N GLY A 64 1.65 4.65 1.76
CA GLY A 64 2.23 5.81 1.17
C GLY A 64 1.54 6.16 -0.13
N CYS A 65 1.54 7.45 -0.44
CA CYS A 65 1.10 7.98 -1.73
C CYS A 65 1.77 9.34 -1.96
N VAL A 66 1.68 9.85 -3.18
CA VAL A 66 2.24 11.14 -3.55
C VAL A 66 1.15 11.98 -4.21
N VAL A 67 1.13 13.25 -3.84
CA VAL A 67 0.27 14.24 -4.47
C VAL A 67 1.08 15.53 -4.60
N GLY A 68 1.18 16.03 -5.82
CA GLY A 68 1.82 17.32 -6.04
C GLY A 68 3.28 17.27 -5.62
N GLY A 69 3.93 16.12 -5.82
CA GLY A 69 5.35 16.00 -5.46
C GLY A 69 5.60 15.72 -3.98
N LEU A 70 4.57 15.77 -3.12
CA LEU A 70 4.72 15.51 -1.66
C LEU A 70 4.35 14.07 -1.36
N LEU A 71 5.11 13.47 -0.45
CA LEU A 71 4.94 12.13 0.03
C LEU A 71 4.05 12.17 1.28
N TYR A 72 3.02 11.34 1.29
CA TYR A 72 2.11 11.24 2.42
C TYR A 72 2.21 9.84 3.01
N ALA A 73 2.24 9.81 4.34
CA ALA A 73 2.12 8.60 5.13
C ALA A 73 0.77 8.62 5.87
N VAL A 74 0.01 7.55 5.67
CA VAL A 74 -1.41 7.48 6.01
C VAL A 74 -1.67 6.28 6.95
N GLY A 75 -2.23 6.55 8.13
CA GLY A 75 -2.69 5.42 8.97
C GLY A 75 -1.54 4.61 9.54
N GLY A 76 -1.84 3.34 9.85
CA GLY A 76 -0.89 2.42 10.47
C GLY A 76 -1.17 2.22 11.95
N ARG A 77 -0.16 1.75 12.67
CA ARG A 77 -0.25 1.47 14.08
C ARG A 77 1.18 1.55 14.62
N ASN A 78 1.33 2.07 15.83
CA ASN A 78 2.59 2.02 16.50
C ASN A 78 2.57 0.81 17.44
N ASN A 79 3.16 -0.30 16.99
CA ASN A 79 3.36 -1.49 17.80
C ASN A 79 4.68 -1.30 18.55
N SER A 80 4.61 -1.04 19.85
CA SER A 80 5.78 -0.69 20.60
C SER A 80 5.69 -1.34 21.99
N PRO A 81 6.84 -1.61 22.60
CA PRO A 81 6.86 -2.26 23.93
C PRO A 81 5.98 -1.51 24.95
N ASP A 82 5.96 -0.17 24.88
CA ASP A 82 5.17 0.61 25.82
C ASP A 82 3.72 0.86 25.41
N GLY A 83 3.21 0.08 24.44
CA GLY A 83 1.78 0.07 24.12
C GLY A 83 1.56 0.10 22.61
N ASN A 84 0.38 -0.31 22.17
CA ASN A 84 0.05 -0.39 20.77
C ASN A 84 -1.01 0.68 20.45
N THR A 85 -0.74 1.56 19.50
CA THR A 85 -1.67 2.65 19.19
C THR A 85 -1.92 2.67 17.69
N ASP A 86 -3.16 2.40 17.30
CA ASP A 86 -3.58 2.59 15.95
C ASP A 86 -3.50 4.09 15.60
N SER A 87 -3.12 4.37 14.35
CA SER A 87 -2.92 5.74 13.84
C SER A 87 -4.07 6.21 12.95
N SER A 88 -4.60 7.39 13.24
CA SER A 88 -5.45 8.13 12.31
C SER A 88 -4.63 9.22 11.58
N ALA A 89 -3.29 9.20 11.70
CA ALA A 89 -2.45 10.35 11.28
C ALA A 89 -2.28 10.36 9.76
N LEU A 90 -2.22 11.57 9.23
CA LEU A 90 -1.68 11.86 7.93
C LEU A 90 -0.51 12.82 8.06
N ASP A 91 0.65 12.40 7.56
CA ASP A 91 1.84 13.22 7.64
C ASP A 91 2.43 13.40 6.26
N CYS A 92 3.02 14.57 6.04
CA CYS A 92 3.48 14.97 4.73
C CYS A 92 4.99 15.21 4.76
N TYR A 93 5.71 14.57 3.83
CA TYR A 93 7.18 14.72 3.65
C TYR A 93 7.45 15.53 2.38
N ASN A 94 8.19 16.62 2.53
CA ASN A 94 8.63 17.44 1.42
C ASN A 94 10.10 17.15 1.13
N PRO A 95 10.36 16.46 0.01
CA PRO A 95 11.72 16.19 -0.44
C PRO A 95 12.57 17.45 -0.58
N MET A 96 11.97 18.60 -0.87
CA MET A 96 12.76 19.84 -1.01
C MET A 96 13.42 20.22 0.32
N THR A 97 12.74 19.93 1.44
CA THR A 97 13.16 20.39 2.77
C THR A 97 13.67 19.23 3.63
N ASN A 98 13.37 17.99 3.27
CA ASN A 98 13.67 16.80 4.11
C ASN A 98 12.96 16.96 5.46
N GLN A 99 11.72 17.42 5.47
CA GLN A 99 10.96 17.57 6.72
C GLN A 99 9.57 16.96 6.57
N TRP A 100 9.13 16.33 7.67
CA TRP A 100 7.79 15.82 7.86
C TRP A 100 6.95 16.90 8.54
N SER A 101 5.74 17.08 8.04
CA SER A 101 4.77 17.99 8.62
C SER A 101 3.47 17.24 8.88
N PRO A 102 2.88 17.44 10.06
CA PRO A 102 1.58 16.82 10.24
C PRO A 102 0.49 17.53 9.41
N CYS A 103 -0.43 16.73 8.89
CA CYS A 103 -1.68 17.19 8.29
C CYS A 103 -2.87 16.83 9.20
N ALA A 104 -4.08 17.20 8.77
CA ALA A 104 -5.30 16.82 9.47
C ALA A 104 -5.40 15.30 9.60
N SER A 105 -5.88 14.85 10.77
CA SER A 105 -6.04 13.41 11.02
C SER A 105 -7.38 12.92 10.45
N MET A 106 -7.43 11.63 10.17
CA MET A 106 -8.64 10.97 9.66
C MET A 106 -9.70 10.92 10.78
N SER A 107 -10.93 10.55 10.38
CA SER A 107 -12.06 10.41 11.28
C SER A 107 -11.80 9.29 12.31
N VAL A 108 -11.01 8.30 11.93
CA VAL A 108 -10.80 7.09 12.76
C VAL A 108 -9.40 6.55 12.54
N PRO A 109 -8.86 5.84 13.56
CA PRO A 109 -7.59 5.14 13.28
C PRO A 109 -7.78 4.02 12.24
N ARG A 110 -6.77 3.79 11.40
CA ARG A 110 -6.84 2.81 10.34
C ARG A 110 -5.48 2.14 10.17
N ASN A 111 -5.31 1.02 10.87
CA ASN A 111 -4.15 0.15 10.73
C ASN A 111 -4.41 -0.79 9.54
N ARG A 112 -3.36 -1.15 8.81
CA ARG A 112 -3.44 -2.10 7.70
C ARG A 112 -4.39 -1.52 6.64
N ILE A 113 -4.13 -0.25 6.37
CA ILE A 113 -4.91 0.60 5.51
C ILE A 113 -4.47 0.40 4.05
N GLY A 114 -5.34 0.77 3.14
CA GLY A 114 -4.95 1.01 1.75
C GLY A 114 -5.37 2.39 1.30
N VAL A 115 -4.64 2.95 0.34
CA VAL A 115 -4.99 4.27 -0.13
C VAL A 115 -4.87 4.30 -1.65
N GLY A 116 -5.58 5.27 -2.20
CA GLY A 116 -5.53 5.60 -3.66
C GLY A 116 -5.73 7.08 -3.89
N VAL A 117 -5.09 7.62 -4.93
CA VAL A 117 -5.21 9.03 -5.24
C VAL A 117 -6.02 9.21 -6.53
N ILE A 118 -7.06 10.06 -6.47
CA ILE A 118 -7.79 10.46 -7.67
C ILE A 118 -7.83 11.99 -7.74
N ASP A 119 -7.37 12.54 -8.85
CA ASP A 119 -7.53 13.97 -9.07
C ASP A 119 -7.00 14.77 -7.87
N GLY A 120 -5.85 14.34 -7.35
CA GLY A 120 -5.16 15.11 -6.29
C GLY A 120 -5.79 14.96 -4.91
N HIS A 121 -6.73 14.03 -4.78
CA HIS A 121 -7.36 13.71 -3.48
C HIS A 121 -6.92 12.32 -3.03
N ILE A 122 -6.74 12.15 -1.73
CA ILE A 122 -6.33 10.89 -1.15
C ILE A 122 -7.55 10.15 -0.59
N TYR A 123 -7.78 8.92 -1.04
CA TYR A 123 -8.79 8.07 -0.45
C TYR A 123 -8.13 7.10 0.52
N ALA A 124 -8.58 7.16 1.76
CA ALA A 124 -8.18 6.23 2.79
C ALA A 124 -9.26 5.15 2.92
N VAL A 125 -8.86 3.88 2.82
CA VAL A 125 -9.81 2.78 2.69
C VAL A 125 -9.61 1.74 3.80
N GLY A 126 -10.67 1.43 4.54
CA GLY A 126 -10.70 0.28 5.43
C GLY A 126 -9.67 0.37 6.55
N GLY A 127 -9.05 -0.77 6.87
CA GLY A 127 -8.11 -0.84 7.99
C GLY A 127 -8.82 -1.14 9.30
N SER A 128 -8.06 -1.34 10.38
CA SER A 128 -8.61 -1.68 11.68
C SER A 128 -8.33 -0.61 12.73
N HIS A 129 -9.21 -0.58 13.71
CA HIS A 129 -9.06 0.11 14.96
C HIS A 129 -9.40 -0.89 16.07
N GLY A 130 -8.40 -1.36 16.79
CA GLY A 130 -8.65 -2.46 17.72
C GLY A 130 -9.34 -3.61 16.99
N CYS A 131 -10.43 -4.13 17.53
CA CYS A 131 -11.17 -5.23 16.89
C CYS A 131 -12.18 -4.73 15.83
N ILE A 132 -12.30 -3.42 15.61
CA ILE A 132 -13.18 -2.88 14.52
C ILE A 132 -12.45 -3.02 13.18
N HIS A 133 -13.09 -3.70 12.24
CA HIS A 133 -12.64 -3.82 10.88
C HIS A 133 -13.50 -2.88 10.03
N HIS A 134 -12.91 -1.81 9.53
CA HIS A 134 -13.70 -0.74 8.88
C HIS A 134 -14.13 -1.14 7.46
N SER A 135 -15.36 -0.80 7.12
CA SER A 135 -15.80 -0.69 5.68
C SER A 135 -15.75 0.78 5.22
N SER A 136 -15.56 1.70 6.17
CA SER A 136 -15.62 3.13 5.89
C SER A 136 -14.42 3.58 5.05
N VAL A 137 -14.67 4.68 4.35
CA VAL A 137 -13.75 5.31 3.39
C VAL A 137 -13.87 6.83 3.54
N GLU A 138 -12.73 7.49 3.46
CA GLU A 138 -12.74 8.94 3.56
C GLU A 138 -11.68 9.54 2.63
N ARG A 139 -11.90 10.81 2.32
CA ARG A 139 -11.19 11.45 1.24
C ARG A 139 -10.55 12.73 1.75
N TYR A 140 -9.25 12.87 1.50
CA TYR A 140 -8.49 14.06 1.89
C TYR A 140 -8.25 15.00 0.70
N GLU A 141 -8.49 16.29 0.94
CA GLU A 141 -8.26 17.38 0.01
C GLU A 141 -7.08 18.23 0.47
N PRO A 142 -5.91 18.06 -0.13
CA PRO A 142 -4.76 18.84 0.31
C PRO A 142 -4.96 20.37 0.33
N GLU A 143 -5.74 20.92 -0.60
CA GLU A 143 -5.84 22.39 -0.70
C GLU A 143 -6.62 22.96 0.50
N ARG A 144 -7.40 22.11 1.17
CA ARG A 144 -8.22 22.51 2.32
C ARG A 144 -7.70 21.85 3.61
N ASP A 145 -6.77 20.89 3.51
CA ASP A 145 -6.33 20.10 4.67
C ASP A 145 -7.51 19.57 5.47
N GLU A 146 -8.41 18.90 4.77
CA GLU A 146 -9.66 18.39 5.34
C GLU A 146 -9.93 16.97 4.84
N TRP A 147 -10.42 16.13 5.75
CA TRP A 147 -10.92 14.79 5.44
C TRP A 147 -12.46 14.82 5.44
N HIS A 148 -13.10 14.06 4.55
CA HIS A 148 -14.55 13.90 4.58
C HIS A 148 -14.88 12.45 4.24
N LEU A 149 -15.86 11.88 4.93
CA LEU A 149 -16.27 10.51 4.67
C LEU A 149 -17.02 10.46 3.33
N VAL A 150 -16.83 9.37 2.61
CA VAL A 150 -17.63 9.05 1.47
C VAL A 150 -18.41 7.75 1.74
N ALA A 151 -19.07 7.23 0.72
CA ALA A 151 -19.78 5.96 0.84
C ALA A 151 -18.83 4.86 1.32
N PRO A 152 -19.31 4.04 2.29
CA PRO A 152 -18.53 2.90 2.74
C PRO A 152 -18.50 1.80 1.67
N MET A 153 -17.46 1.00 1.70
CA MET A 153 -17.37 -0.19 0.90
C MET A 153 -18.52 -1.13 1.28
N LEU A 154 -18.82 -2.06 0.39
CA LEU A 154 -19.82 -3.13 0.68
C LEU A 154 -19.27 -4.17 1.67
N THR A 155 -17.98 -4.17 1.92
CA THR A 155 -17.31 -5.18 2.71
C THR A 155 -16.31 -4.52 3.68
N ARG A 156 -16.23 -5.06 4.89
CA ARG A 156 -15.16 -4.65 5.80
C ARG A 156 -13.84 -5.22 5.26
N ARG A 157 -12.80 -4.42 5.18
CA ARG A 157 -11.54 -4.91 4.68
C ARG A 157 -10.36 -4.24 5.40
N ILE A 158 -9.51 -5.06 6.02
CA ILE A 158 -8.23 -4.64 6.50
C ILE A 158 -7.18 -5.44 5.70
N GLY A 159 -5.97 -4.92 5.62
CA GLY A 159 -4.98 -5.44 4.73
C GLY A 159 -5.47 -5.39 3.28
N VAL A 160 -6.20 -4.32 3.00
CA VAL A 160 -6.91 -4.11 1.74
C VAL A 160 -5.93 -3.52 0.72
N GLY A 161 -5.92 -4.11 -0.47
CA GLY A 161 -5.20 -3.55 -1.59
C GLY A 161 -6.04 -2.51 -2.32
N VAL A 162 -5.42 -1.37 -2.63
CA VAL A 162 -6.14 -0.30 -3.28
C VAL A 162 -5.36 0.17 -4.50
N ALA A 163 -6.07 0.44 -5.61
CA ALA A 163 -5.45 1.05 -6.76
C ALA A 163 -6.47 1.89 -7.53
N VAL A 164 -5.96 2.73 -8.39
CA VAL A 164 -6.77 3.65 -9.20
C VAL A 164 -6.41 3.42 -10.66
N LEU A 165 -7.45 3.25 -11.46
CA LEU A 165 -7.35 3.13 -12.91
C LEU A 165 -8.51 3.91 -13.52
N ASN A 166 -8.20 4.80 -14.46
CA ASN A 166 -9.18 5.54 -15.18
C ASN A 166 -10.11 6.27 -14.21
N ARG A 167 -9.53 6.80 -13.13
CA ARG A 167 -10.24 7.66 -12.16
C ARG A 167 -11.39 6.89 -11.49
N LEU A 168 -11.20 5.59 -11.35
CA LEU A 168 -12.01 4.74 -10.51
C LEU A 168 -11.11 4.09 -9.47
N LEU A 169 -11.66 3.89 -8.27
CA LEU A 169 -10.91 3.39 -7.09
C LEU A 169 -11.30 1.93 -6.86
N TYR A 170 -10.31 1.06 -6.67
CA TYR A 170 -10.53 -0.37 -6.46
C TYR A 170 -10.02 -0.77 -5.07
N ALA A 171 -10.82 -1.56 -4.41
CA ALA A 171 -10.47 -2.20 -3.11
C ALA A 171 -10.48 -3.72 -3.34
N VAL A 172 -9.38 -4.36 -2.99
CA VAL A 172 -9.09 -5.70 -3.42
C VAL A 172 -8.63 -6.54 -2.22
N GLY A 173 -9.36 -7.64 -1.99
CA GLY A 173 -8.99 -8.61 -0.96
C GLY A 173 -9.07 -8.03 0.44
N GLY A 174 -8.26 -8.60 1.33
CA GLY A 174 -8.21 -8.16 2.71
C GLY A 174 -8.86 -9.16 3.65
N PHE A 175 -9.13 -8.68 4.85
CA PHE A 175 -9.68 -9.47 5.95
C PHE A 175 -10.85 -8.71 6.56
N ASP A 176 -11.97 -9.40 6.71
CA ASP A 176 -13.20 -8.75 7.13
C ASP A 176 -13.48 -8.92 8.62
N GLY A 177 -12.56 -9.55 9.36
CA GLY A 177 -12.75 -9.83 10.77
C GLY A 177 -12.93 -11.31 11.03
N THR A 178 -13.41 -12.03 10.01
CA THR A 178 -13.66 -13.44 10.12
C THR A 178 -12.94 -14.20 9.00
N ASN A 179 -13.08 -13.77 7.75
CA ASN A 179 -12.46 -14.49 6.63
C ASN A 179 -11.52 -13.57 5.86
N ARG A 180 -10.41 -14.16 5.37
CA ARG A 180 -9.65 -13.52 4.31
C ARG A 180 -10.48 -13.66 3.01
N LEU A 181 -10.29 -12.71 2.09
CA LEU A 181 -11.27 -12.43 0.99
C LEU A 181 -10.60 -12.55 -0.39
N ASN A 182 -11.32 -13.13 -1.35
CA ASN A 182 -10.92 -13.01 -2.76
C ASN A 182 -11.72 -11.90 -3.46
N SER A 183 -12.67 -11.28 -2.76
CA SER A 183 -13.58 -10.32 -3.38
C SER A 183 -12.88 -8.98 -3.64
N ALA A 184 -13.48 -8.21 -4.52
CA ALA A 184 -12.99 -6.90 -4.84
C ALA A 184 -14.17 -6.05 -5.31
N GLU A 185 -14.00 -4.74 -5.15
CA GLU A 185 -15.07 -3.82 -5.47
C GLU A 185 -14.47 -2.52 -6.00
N CYS A 186 -15.32 -1.77 -6.68
CA CYS A 186 -14.95 -0.54 -7.39
C CYS A 186 -15.83 0.62 -6.92
N TYR A 187 -15.23 1.78 -6.71
CA TYR A 187 -15.92 3.01 -6.32
C TYR A 187 -15.96 4.01 -7.49
N TYR A 188 -17.17 4.42 -7.81
CA TYR A 188 -17.48 5.36 -8.90
C TYR A 188 -17.73 6.71 -8.23
N PRO A 189 -16.73 7.60 -8.24
CA PRO A 189 -16.85 8.84 -7.48
C PRO A 189 -18.07 9.71 -7.82
N GLU A 190 -18.44 9.82 -9.09
CA GLU A 190 -19.51 10.73 -9.46
C GLU A 190 -20.87 10.13 -9.05
N ARG A 191 -20.91 8.87 -8.68
CA ARG A 191 -22.12 8.22 -8.17
C ARG A 191 -22.01 8.08 -6.63
N ASN A 192 -20.83 8.35 -6.05
CA ASN A 192 -20.54 8.02 -4.64
C ASN A 192 -21.07 6.62 -4.31
N GLU A 193 -20.64 5.60 -5.05
CA GLU A 193 -21.23 4.27 -4.90
C GLU A 193 -20.15 3.21 -5.16
N TRP A 194 -20.19 2.14 -4.36
CA TRP A 194 -19.39 0.97 -4.54
C TRP A 194 -20.20 -0.14 -5.23
N ARG A 195 -19.55 -0.88 -6.13
CA ARG A 195 -20.11 -2.09 -6.72
C ARG A 195 -19.03 -3.17 -6.71
N MET A 196 -19.45 -4.42 -6.50
CA MET A 196 -18.52 -5.56 -6.57
C MET A 196 -18.00 -5.69 -8.01
N ILE A 197 -16.76 -6.12 -8.15
CA ILE A 197 -16.26 -6.59 -9.44
C ILE A 197 -16.03 -8.10 -9.36
N THR A 198 -15.61 -8.69 -10.47
CA THR A 198 -15.22 -10.08 -10.50
C THR A 198 -14.24 -10.36 -9.35
N PRO A 199 -14.46 -11.43 -8.58
CA PRO A 199 -13.49 -11.76 -7.53
C PRO A 199 -12.18 -12.29 -8.15
N MET A 200 -11.08 -12.13 -7.40
CA MET A 200 -9.82 -12.75 -7.78
C MET A 200 -9.95 -14.28 -7.76
N ASN A 201 -9.00 -14.96 -8.37
CA ASN A 201 -8.96 -16.41 -8.34
C ASN A 201 -8.29 -16.90 -7.05
N THR A 202 -7.79 -16.00 -6.23
CA THR A 202 -7.05 -16.33 -5.03
C THR A 202 -7.54 -15.46 -3.87
N ILE A 203 -7.75 -16.07 -2.70
CA ILE A 203 -7.93 -15.34 -1.44
C ILE A 203 -6.59 -14.67 -1.08
N ARG A 204 -6.63 -13.37 -0.85
CA ARG A 204 -5.43 -12.62 -0.53
C ARG A 204 -5.74 -11.48 0.43
N SER A 205 -5.01 -11.45 1.56
CA SER A 205 -5.07 -10.34 2.51
CA SER A 205 -5.06 -10.34 2.51
C SER A 205 -3.64 -9.82 2.71
N GLY A 206 -3.48 -8.50 2.72
CA GLY A 206 -2.13 -7.94 2.82
C GLY A 206 -1.31 -8.28 1.59
N ALA A 207 -1.97 -8.23 0.44
CA ALA A 207 -1.29 -8.32 -0.84
C ALA A 207 -0.70 -6.95 -1.19
N GLY A 208 0.10 -6.91 -2.25
CA GLY A 208 0.44 -5.64 -2.89
C GLY A 208 -0.45 -5.41 -4.09
N VAL A 209 -1.16 -4.30 -4.12
CA VAL A 209 -2.06 -4.02 -5.22
C VAL A 209 -1.66 -2.67 -5.85
N CYS A 210 -1.52 -2.66 -7.18
CA CYS A 210 -1.15 -1.46 -7.93
C CYS A 210 -1.70 -1.56 -9.34
N VAL A 211 -1.57 -0.47 -10.07
CA VAL A 211 -2.02 -0.44 -11.47
CA VAL A 211 -2.02 -0.42 -11.47
C VAL A 211 -0.81 -0.34 -12.39
N LEU A 212 -0.92 -1.03 -13.51
CA LEU A 212 0.05 -0.93 -14.58
C LEU A 212 -0.69 -1.14 -15.91
N HIS A 213 -0.53 -0.17 -16.79
CA HIS A 213 -1.26 -0.16 -18.06
C HIS A 213 -2.77 -0.21 -17.77
N ASN A 214 -3.49 -1.16 -18.35
CA ASN A 214 -4.93 -1.21 -18.17
C ASN A 214 -5.33 -2.25 -17.12
N CYS A 215 -4.41 -2.71 -16.28
CA CYS A 215 -4.70 -3.80 -15.37
C CYS A 215 -4.41 -3.45 -13.91
N ILE A 216 -5.25 -3.98 -13.01
CA ILE A 216 -5.02 -3.98 -11.56
C ILE A 216 -4.27 -5.28 -11.23
N TYR A 217 -3.10 -5.16 -10.64
CA TYR A 217 -2.29 -6.30 -10.22
C TYR A 217 -2.44 -6.53 -8.72
N ALA A 218 -2.50 -7.81 -8.36
CA ALA A 218 -2.49 -8.22 -6.94
C ALA A 218 -1.39 -9.27 -6.77
N ALA A 219 -0.38 -8.90 -5.97
CA ALA A 219 0.83 -9.67 -5.77
C ALA A 219 0.87 -10.18 -4.33
N GLY A 220 0.98 -11.48 -4.15
CA GLY A 220 1.25 -12.06 -2.84
C GLY A 220 0.04 -11.99 -1.93
N GLY A 221 0.32 -11.86 -0.63
CA GLY A 221 -0.70 -11.82 0.39
C GLY A 221 -0.67 -13.05 1.28
N TYR A 222 -1.65 -13.06 2.17
CA TYR A 222 -1.89 -14.05 3.21
C TYR A 222 -3.32 -14.55 3.03
N ASP A 223 -3.53 -15.85 3.23
CA ASP A 223 -4.87 -16.43 3.10
C ASP A 223 -5.36 -17.06 4.41
N GLY A 224 -4.72 -16.74 5.53
CA GLY A 224 -5.05 -17.36 6.79
C GLY A 224 -4.20 -18.60 7.07
N GLN A 225 -3.59 -19.18 6.03
CA GLN A 225 -2.72 -20.33 6.21
C GLN A 225 -1.32 -20.07 5.67
N ASP A 226 -1.20 -19.49 4.48
CA ASP A 226 0.08 -19.36 3.82
C ASP A 226 0.32 -17.95 3.29
N GLN A 227 1.60 -17.56 3.24
CA GLN A 227 2.00 -16.37 2.50
C GLN A 227 2.16 -16.82 1.04
N LEU A 228 1.78 -15.96 0.08
CA LEU A 228 1.66 -16.35 -1.33
C LEU A 228 2.76 -15.70 -2.18
N ASN A 229 3.16 -16.40 -3.23
CA ASN A 229 4.07 -15.82 -4.26
C ASN A 229 3.29 -15.52 -5.56
N SER A 230 2.03 -15.95 -5.66
CA SER A 230 1.30 -15.84 -6.90
C SER A 230 0.93 -14.38 -7.18
N VAL A 231 0.73 -14.09 -8.45
CA VAL A 231 0.39 -12.74 -8.89
C VAL A 231 -0.70 -12.83 -9.97
N GLU A 232 -1.77 -12.06 -9.81
CA GLU A 232 -2.81 -12.01 -10.82
C GLU A 232 -3.20 -10.58 -11.14
N ARG A 233 -3.75 -10.39 -12.33
CA ARG A 233 -4.12 -9.04 -12.76
C ARG A 233 -5.52 -9.02 -13.36
N TYR A 234 -6.21 -7.93 -13.09
CA TYR A 234 -7.56 -7.70 -13.56
C TYR A 234 -7.54 -6.72 -14.73
N ASP A 235 -8.06 -7.14 -15.86
CA ASP A 235 -8.24 -6.27 -17.02
C ASP A 235 -9.64 -5.64 -16.96
N VAL A 236 -9.71 -4.33 -16.73
CA VAL A 236 -11.00 -3.66 -16.57
C VAL A 236 -11.87 -3.86 -17.82
N GLU A 237 -11.30 -4.06 -18.99
CA GLU A 237 -12.12 -4.18 -20.21
C GLU A 237 -12.77 -5.57 -20.30
N THR A 238 -12.04 -6.61 -19.89
CA THR A 238 -12.53 -8.00 -19.98
C THR A 238 -13.21 -8.44 -18.67
N GLU A 239 -12.94 -7.74 -17.59
CA GLU A 239 -13.52 -8.04 -16.25
C GLU A 239 -13.05 -9.43 -15.77
N THR A 240 -11.85 -9.84 -16.13
CA THR A 240 -11.35 -11.13 -15.69
C THR A 240 -9.95 -10.97 -15.12
N TRP A 241 -9.63 -11.90 -14.23
CA TRP A 241 -8.33 -12.00 -13.60
C TRP A 241 -7.51 -13.12 -14.24
N THR A 242 -6.24 -12.82 -14.50
CA THR A 242 -5.34 -13.75 -15.11
C THR A 242 -4.06 -13.78 -14.27
N PHE A 243 -3.51 -14.97 -14.01
CA PHE A 243 -2.24 -15.09 -13.29
C PHE A 243 -1.12 -14.71 -14.24
N VAL A 244 -0.08 -14.09 -13.71
CA VAL A 244 1.15 -13.90 -14.42
C VAL A 244 2.24 -14.67 -13.65
N ALA A 245 3.50 -14.45 -13.97
CA ALA A 245 4.57 -15.17 -13.31
C ALA A 245 4.56 -14.86 -11.80
N PRO A 246 4.84 -15.87 -10.95
CA PRO A 246 4.92 -15.67 -9.50
C PRO A 246 6.19 -14.89 -9.14
N MET A 247 6.13 -14.15 -8.04
CA MET A 247 7.35 -13.57 -7.47
C MET A 247 8.28 -14.71 -7.03
N ARG A 248 9.55 -14.36 -6.87
CA ARG A 248 10.59 -15.27 -6.41
C ARG A 248 10.37 -15.61 -4.93
N HIS A 249 9.83 -14.66 -4.16
CA HIS A 249 9.59 -14.83 -2.69
C HIS A 249 8.09 -14.78 -2.37
N HIS A 250 7.59 -15.80 -1.67
CA HIS A 250 6.31 -15.73 -0.99
C HIS A 250 6.36 -14.49 -0.09
N ARG A 251 5.32 -13.66 -0.03
CA ARG A 251 5.30 -12.51 0.88
C ARG A 251 3.87 -11.99 1.09
N SER A 252 3.57 -11.72 2.35
CA SER A 252 2.47 -10.87 2.73
C SER A 252 3.00 -9.58 3.37
N ALA A 253 2.11 -8.61 3.52
CA ALA A 253 2.40 -7.30 4.11
C ALA A 253 3.61 -6.67 3.41
N LEU A 254 3.58 -6.77 2.09
CA LEU A 254 4.57 -6.10 1.24
C LEU A 254 4.12 -4.68 0.94
N GLY A 255 5.10 -3.87 0.57
CA GLY A 255 4.85 -2.60 -0.11
C GLY A 255 4.96 -2.81 -1.61
N ILE A 256 4.15 -2.09 -2.40
CA ILE A 256 4.24 -2.19 -3.84
C ILE A 256 4.21 -0.78 -4.43
N THR A 257 4.91 -0.59 -5.53
CA THR A 257 4.79 0.65 -6.29
C THR A 257 5.23 0.42 -7.74
N VAL A 258 5.00 1.45 -8.54
CA VAL A 258 5.38 1.45 -9.93
C VAL A 258 6.39 2.57 -10.12
N HIS A 259 7.43 2.24 -10.85
CA HIS A 259 8.50 3.17 -11.19
C HIS A 259 8.93 2.84 -12.61
N GLN A 260 8.82 3.83 -13.50
CA GLN A 260 9.15 3.67 -14.93
C GLN A 260 8.52 2.42 -15.54
N GLY A 261 7.24 2.18 -15.32
CA GLY A 261 6.53 1.12 -16.04
C GLY A 261 6.84 -0.30 -15.56
N LYS A 262 7.46 -0.38 -14.38
CA LYS A 262 7.76 -1.66 -13.77
C LYS A 262 7.25 -1.65 -12.34
N ILE A 263 6.73 -2.80 -11.93
CA ILE A 263 6.25 -3.00 -10.57
C ILE A 263 7.45 -3.33 -9.67
N TYR A 264 7.46 -2.71 -8.51
CA TYR A 264 8.43 -3.07 -7.48
C TYR A 264 7.68 -3.52 -6.22
N VAL A 265 8.15 -4.62 -5.63
CA VAL A 265 7.63 -5.10 -4.35
C VAL A 265 8.76 -5.09 -3.31
N LEU A 266 8.41 -4.62 -2.11
CA LEU A 266 9.37 -4.32 -1.07
C LEU A 266 8.96 -5.03 0.23
N GLY A 267 9.84 -5.86 0.72
CA GLY A 267 9.68 -6.40 2.04
C GLY A 267 8.52 -7.39 2.16
N GLY A 268 8.04 -7.49 3.40
CA GLY A 268 6.94 -8.34 3.77
C GLY A 268 7.40 -9.52 4.63
N TYR A 269 6.53 -10.52 4.69
CA TYR A 269 6.70 -11.64 5.58
C TYR A 269 6.42 -12.93 4.80
N ASP A 270 7.28 -13.93 5.00
CA ASP A 270 7.13 -15.23 4.30
C ASP A 270 6.85 -16.40 5.24
N GLY A 271 6.43 -16.11 6.47
CA GLY A 271 6.16 -17.15 7.45
C GLY A 271 7.40 -17.56 8.23
N HIS A 272 8.54 -16.95 7.90
CA HIS A 272 9.84 -17.35 8.50
C HIS A 272 10.71 -16.11 8.77
N THR A 273 10.76 -15.19 7.84
CA THR A 273 11.65 -14.05 7.84
C THR A 273 10.90 -12.75 7.48
N PHE A 274 11.26 -11.67 8.15
CA PHE A 274 10.86 -10.33 7.71
C PHE A 274 11.83 -9.91 6.59
N LEU A 275 11.30 -9.86 5.36
CA LEU A 275 12.11 -9.88 4.15
C LEU A 275 12.75 -8.50 3.94
N ASP A 276 14.02 -8.49 3.55
CA ASP A 276 14.64 -7.31 2.95
C ASP A 276 14.57 -7.33 1.39
N SER A 277 14.05 -8.41 0.81
CA SER A 277 14.03 -8.60 -0.63
C SER A 277 13.20 -7.51 -1.33
N VAL A 278 13.78 -6.92 -2.39
CA VAL A 278 13.03 -6.06 -3.32
C VAL A 278 13.08 -6.74 -4.69
N GLU A 279 11.91 -7.00 -5.26
CA GLU A 279 11.79 -7.64 -6.56
C GLU A 279 11.10 -6.67 -7.53
N CYS A 280 11.40 -6.77 -8.82
CA CYS A 280 10.65 -6.01 -9.80
C CYS A 280 10.15 -6.92 -10.94
N TYR A 281 9.03 -6.48 -11.51
CA TYR A 281 8.30 -7.23 -12.54
C TYR A 281 8.38 -6.47 -13.88
N ASP A 282 8.79 -7.17 -14.89
CA ASP A 282 8.85 -6.65 -16.25
C ASP A 282 7.68 -7.30 -16.99
N PRO A 283 6.63 -6.51 -17.27
CA PRO A 283 5.44 -7.06 -17.94
C PRO A 283 5.74 -7.57 -19.36
N ASP A 284 6.71 -6.99 -20.05
CA ASP A 284 7.01 -7.43 -21.41
C ASP A 284 7.66 -8.82 -21.47
N SER A 285 8.51 -9.17 -20.51
CA SER A 285 9.13 -10.51 -20.45
C SER A 285 8.36 -11.42 -19.48
N ASP A 286 7.39 -10.85 -18.76
CA ASP A 286 6.70 -11.59 -17.70
C ASP A 286 7.69 -12.29 -16.75
N THR A 287 8.62 -11.49 -16.20
CA THR A 287 9.63 -12.02 -15.30
C THR A 287 9.78 -11.08 -14.10
N TRP A 288 10.00 -11.73 -12.95
CA TRP A 288 10.42 -11.07 -11.73
C TRP A 288 11.93 -11.23 -11.57
N SER A 289 12.59 -10.16 -11.12
CA SER A 289 14.01 -10.23 -10.83
CA SER A 289 14.00 -10.22 -10.83
C SER A 289 14.29 -9.50 -9.51
N GLU A 290 15.33 -9.96 -8.81
CA GLU A 290 15.77 -9.37 -7.55
C GLU A 290 16.49 -8.07 -7.90
N VAL A 291 16.21 -6.95 -7.23
CA VAL A 291 16.76 -5.66 -7.74
C VAL A 291 17.78 -5.08 -6.76
N THR A 292 17.59 -5.37 -5.49
CA THR A 292 18.31 -4.75 -4.41
C THR A 292 17.72 -5.35 -3.13
N ARG A 293 18.31 -5.06 -2.01
CA ARG A 293 17.72 -5.41 -0.75
C ARG A 293 17.60 -4.12 0.06
N MET A 294 16.52 -4.02 0.81
CA MET A 294 16.37 -2.97 1.75
C MET A 294 17.52 -3.08 2.77
N THR A 295 17.78 -1.98 3.44
CA THR A 295 18.88 -1.92 4.38
C THR A 295 18.62 -2.87 5.56
N SER A 296 17.36 -3.21 5.79
CA SER A 296 17.00 -4.17 6.83
C SER A 296 15.64 -4.79 6.53
N GLY A 297 15.42 -6.03 6.95
CA GLY A 297 14.14 -6.70 6.73
C GLY A 297 13.01 -6.04 7.50
N ARG A 298 11.83 -5.96 6.89
CA ARG A 298 10.67 -5.35 7.50
C ARG A 298 9.39 -5.66 6.70
N SER A 299 8.28 -5.61 7.42
CA SER A 299 6.95 -5.77 6.82
C SER A 299 6.11 -4.52 7.06
N GLY A 300 5.00 -4.41 6.34
CA GLY A 300 4.01 -3.35 6.57
C GLY A 300 4.53 -1.94 6.30
N VAL A 301 5.35 -1.77 5.27
CA VAL A 301 5.86 -0.43 4.92
C VAL A 301 4.83 0.32 4.06
N GLY A 302 5.01 1.64 4.04
CA GLY A 302 4.37 2.51 3.08
C GLY A 302 5.37 2.86 2.01
N VAL A 303 4.92 2.83 0.76
CA VAL A 303 5.86 3.06 -0.35
CA VAL A 303 5.81 3.02 -0.37
C VAL A 303 5.14 3.90 -1.43
N ALA A 304 5.91 4.82 -2.02
CA ALA A 304 5.49 5.68 -3.13
C ALA A 304 6.72 6.25 -3.85
N VAL A 305 6.49 6.88 -4.99
CA VAL A 305 7.58 7.36 -5.82
C VAL A 305 7.45 8.88 -5.99
N THR A 306 8.55 9.59 -5.80
CA THR A 306 8.60 11.02 -6.11
C THR A 306 10.04 11.45 -6.36
N MET A 307 10.24 12.77 -6.44
CA MET A 307 11.51 13.35 -6.85
C MET A 307 12.59 13.11 -5.78
N GLU A 308 13.83 13.25 -6.23
CA GLU A 308 15.01 13.22 -5.36
C GLU A 308 14.94 14.40 -4.38
N PRO A 309 15.46 14.21 -3.17
CA PRO A 309 15.41 15.29 -2.20
C PRO A 309 16.44 16.35 -2.60
N CYS A 310 16.05 17.63 -2.54
CA CYS A 310 16.86 18.79 -3.01
C CYS A 310 17.16 18.65 -4.51
S DMS B . 2.51 -7.84 14.49
O DMS B . 1.69 -6.63 14.15
C1 DMS B . 1.36 -9.19 14.62
C2 DMS B . 3.30 -8.32 12.98
N3 J6N C . 1.28 -13.70 7.67
C5 J6N C . -0.14 -12.03 7.72
C6 J6N C . -0.94 -10.89 7.47
C7 J6N C . -1.88 -10.47 8.43
C8 J6N C . -1.98 -11.18 9.63
C10 J6N C . -0.28 -12.72 8.91
C13 J6N C . -3.93 -9.59 7.28
C20 J6N C . -0.43 -5.89 6.79
C22 J6N C . -1.54 -6.28 6.07
C1 J6N C . 0.88 -14.76 9.84
N2 J6N C . 0.60 -13.73 8.86
N4 J6N C . 0.82 -12.66 6.98
C9 J6N C . -1.19 -12.30 9.88
C11 J6N C . -2.75 -9.24 8.18
C14 J6N C . -4.85 -10.67 7.82
O15 J6N C . -5.42 -11.38 6.95
O16 J6N C . -4.98 -10.81 9.06
C17 J6N C . -1.94 -8.06 7.67
C18 J6N C . -0.81 -7.63 8.37
C19 J6N C . -0.06 -6.55 7.94
CL J6N C . 0.51 -4.53 6.24
C23 J6N C . -2.29 -7.37 6.50
H27 J6N C . -0.86 -10.42 6.64
H28 J6N C . -2.61 -10.90 10.29
H31 J6N C . -4.47 -8.77 7.15
H30 J6N C . -3.60 -9.87 6.40
H34 J6N C . -1.79 -5.82 5.28
H24 J6N C . 0.31 -14.63 10.63
H25 J6N C . 1.82 -14.71 10.11
H26 J6N C . 0.71 -15.65 9.46
H29 J6N C . -1.28 -12.78 10.70
H12 J6N C . -3.11 -8.98 9.06
H32 J6N C . -0.55 -8.10 9.17
H33 J6N C . 0.70 -6.27 8.43
H35 J6N C . -3.07 -7.65 6.01
N3 J6N D . 8.85 -12.17 15.50
C5 J6N D . 6.87 -12.57 14.66
C6 J6N D . 5.74 -13.07 13.96
C7 J6N D . 4.50 -12.43 14.12
C8 J6N D . 4.42 -11.31 14.96
C10 J6N D . 6.75 -11.48 15.47
C13 J6N D . 3.24 -14.42 13.07
C20 J6N D . 2.69 -10.48 9.93
C22 J6N D . 3.92 -11.04 10.19
C1 J6N D . 8.42 -10.20 16.90
N2 J6N D . 7.98 -11.23 15.98
N4 J6N D . 8.18 -12.98 14.70
C9 J6N D . 5.53 -10.82 15.64
C11 J6N D . 3.25 -12.92 13.41
C14 J6N D . 3.45 -15.32 14.28
O15 J6N D . 4.08 -16.37 14.09
O16 J6N D . 2.97 -14.96 15.37
C17 J6N D . 3.05 -12.06 12.18
C18 J6N D . 1.80 -11.48 11.90
C19 J6N D . 1.63 -10.70 10.77
CL J6N D . 2.49 -9.49 8.52
C23 J6N D . 4.10 -11.82 11.31
H27 J6N D . 5.82 -13.83 13.40
H28 J6N D . 3.57 -10.88 15.07
H31 J6N D . 2.36 -14.63 12.66
H30 J6N D . 3.93 -14.60 12.41
H34 J6N D . 4.66 -10.89 9.60
H24 J6N D . 7.66 -9.62 17.12
H25 J6N D . 9.12 -9.67 16.47
H26 J6N D . 8.77 -10.61 17.71
H29 J6N D . 5.45 -10.05 16.20
H12 J6N D . 2.49 -12.76 14.02
H32 J6N D . 1.07 -11.64 12.49
H33 J6N D . 0.78 -10.30 10.59
H35 J6N D . 4.96 -12.21 11.50
#